data_3VAM
#
_entry.id   3VAM
#
_cell.length_a   166.108
_cell.length_b   37.973
_cell.length_c   101.974
_cell.angle_alpha   90.000
_cell.angle_beta   125.490
_cell.angle_gamma   90.000
#
_symmetry.space_group_name_H-M   'C 1 2 1'
#
loop_
_entity.id
_entity.type
_entity.pdbx_description
1 polymer 'Splicing factor U2AF 65 kDa subunit'
2 polymer "DNA (5'-D(*UP*CP*UP*UP*(BRU)P*UP*U)-3')"
3 non-polymer '1,4-DIETHYLENE DIOXIDE'
4 non-polymer 'SULFATE ION'
5 non-polymer GLYCEROL
6 non-polymer N,N-BIS(3-D-GLUCONAMIDOPROPYL)DEOXYCHOLAMIDE
7 water water
#
loop_
_entity_poly.entity_id
_entity_poly.type
_entity_poly.pdbx_seq_one_letter_code
_entity_poly.pdbx_strand_id
1 'polypeptide(L)'
;GPLGSARRLYVGNIPFGITEEAMMDFFNAQMRLGGLTQAPGNPVLAVQINQDKNFAFLEFRSVDETTQAMAFDGIIFQGQ
SLKIRRPHDYQPLPGAHKLFIGGLPNYLNDDQVKELLTSFGPLKAFNLVKDSATGLSKGYAFCEYVDINVTDQAIAGLNG
MQLGDKKLLVQRAS
;
A,B
2 'polydeoxyribonucleotide' (DU)(DC)(DU)(DU)(BRU)(DU)(DU) P,E
#
# COMPACT_ATOMS: atom_id res chain seq x y z
N GLY A 1 -6.70 19.25 11.68
CA GLY A 1 -7.86 19.66 12.54
C GLY A 1 -7.56 20.92 13.35
N PRO A 2 -8.61 21.56 13.93
CA PRO A 2 -10.04 21.22 13.80
C PRO A 2 -10.59 21.34 12.36
N LEU A 3 -10.00 22.25 11.58
CA LEU A 3 -10.37 22.47 10.17
C LEU A 3 -9.28 22.05 9.16
N GLY A 4 -8.16 21.54 9.65
CA GLY A 4 -7.09 21.08 8.78
C GLY A 4 -7.39 19.72 8.17
N SER A 5 -6.60 19.36 7.15
CA SER A 5 -6.66 18.06 6.48
C SER A 5 -7.95 17.79 5.70
N ALA A 6 -8.69 18.84 5.35
CA ALA A 6 -10.02 18.67 4.75
C ALA A 6 -10.04 18.25 3.27
N ARG A 7 -8.89 18.36 2.60
CA ARG A 7 -8.77 18.15 1.15
C ARG A 7 -7.64 17.18 0.76
N ARG A 8 -7.25 16.32 1.68
CA ARG A 8 -6.26 15.26 1.41
C ARG A 8 -6.83 13.89 1.78
N LEU A 9 -6.33 12.85 1.09
CA LEU A 9 -6.66 11.44 1.40
C LEU A 9 -5.41 10.54 1.43
N TYR A 10 -5.42 9.58 2.36
CA TYR A 10 -4.43 8.49 2.39
C TYR A 10 -4.79 7.36 1.42
N VAL A 11 -3.83 6.97 0.58
CA VAL A 11 -3.97 5.80 -0.28
C VAL A 11 -2.89 4.75 0.05
N GLY A 12 -3.32 3.56 0.44
CA GLY A 12 -2.42 2.45 0.68
C GLY A 12 -2.58 1.28 -0.29
N ASN A 13 -1.60 0.39 -0.25
CA ASN A 13 -1.51 -0.76 -1.13
C ASN A 13 -1.31 -0.39 -2.59
N ILE A 14 -0.57 0.69 -2.84
CA ILE A 14 -0.37 1.19 -4.20
C ILE A 14 0.49 0.20 -4.97
N PRO A 15 0.31 0.13 -6.31
CA PRO A 15 1.15 -0.72 -7.16
C PRO A 15 2.63 -0.34 -7.20
N PHE A 16 3.48 -1.36 -7.25
CA PHE A 16 4.92 -1.20 -7.21
C PHE A 16 5.42 -0.38 -8.42
N GLY A 17 6.29 0.60 -8.15
CA GLY A 17 6.93 1.38 -9.21
C GLY A 17 6.01 2.33 -9.96
N ILE A 18 4.84 2.60 -9.39
CA ILE A 18 3.88 3.54 -9.98
C ILE A 18 4.36 4.98 -9.73
N THR A 19 4.21 5.85 -10.74
CA THR A 19 4.63 7.26 -10.62
C THR A 19 3.53 8.14 -10.03
N GLU A 20 3.92 9.32 -9.56
CA GLU A 20 2.97 10.31 -9.06
C GLU A 20 2.00 10.75 -10.16
N GLU A 21 2.53 10.99 -11.36
CA GLU A 21 1.74 11.45 -12.50
C GLU A 21 0.67 10.43 -12.96
N ALA A 22 1.03 9.14 -12.96
CA ALA A 22 0.12 8.04 -13.38
C ALA A 22 -1.00 7.77 -12.37
N MET A 23 -0.68 7.93 -11.09
CA MET A 23 -1.67 7.84 -10.02
C MET A 23 -2.65 9.02 -10.09
N MET A 24 -2.13 10.20 -10.43
CA MET A 24 -2.94 11.39 -10.60
C MET A 24 -3.93 11.20 -11.75
N ASP A 25 -3.43 10.77 -12.91
CA ASP A 25 -4.26 10.50 -14.08
C ASP A 25 -5.31 9.42 -13.84
N PHE A 26 -4.99 8.44 -13.01
CA PHE A 26 -5.92 7.35 -12.73
C PHE A 26 -7.13 7.86 -11.94
N PHE A 27 -6.85 8.59 -10.86
CA PHE A 27 -7.91 9.13 -10.02
C PHE A 27 -8.75 10.20 -10.67
N ASN A 28 -8.12 11.04 -11.49
CA ASN A 28 -8.85 12.06 -12.22
C ASN A 28 -9.80 11.44 -13.22
N ALA A 29 -9.39 10.35 -13.86
CA ALA A 29 -10.23 9.62 -14.83
C ALA A 29 -11.43 8.93 -14.17
N GLN A 30 -11.20 8.29 -13.04
CA GLN A 30 -12.26 7.60 -12.30
C GLN A 30 -13.31 8.56 -11.74
N MET A 31 -12.87 9.66 -11.12
CA MET A 31 -13.80 10.70 -10.69
C MET A 31 -14.76 11.09 -11.83
N ARG A 32 -14.20 11.29 -13.04
CA ARG A 32 -15.00 11.70 -14.21
C ARG A 32 -15.96 10.64 -14.74
N LEU A 33 -15.47 9.40 -14.92
CA LEU A 33 -16.31 8.27 -15.37
C LEU A 33 -17.39 7.86 -14.36
N GLY A 34 -17.07 7.96 -13.07
CA GLY A 34 -17.99 7.60 -11.99
C GLY A 34 -18.97 8.68 -11.57
N GLY A 35 -18.92 9.84 -12.22
CA GLY A 35 -19.81 10.96 -11.91
C GLY A 35 -19.63 11.60 -10.53
N LEU A 36 -18.40 11.65 -10.02
CA LEU A 36 -18.17 12.17 -8.66
C LEU A 36 -17.66 13.61 -8.60
N THR A 37 -17.35 14.20 -9.76
CA THR A 37 -16.87 15.58 -9.81
C THR A 37 -18.04 16.52 -9.84
N GLN A 38 -17.81 17.75 -9.34
CA GLN A 38 -18.86 18.76 -9.23
C GLN A 38 -18.59 20.00 -10.08
N ALA A 39 -17.67 19.89 -11.03
CA ALA A 39 -17.36 21.00 -11.92
C ALA A 39 -16.41 20.54 -13.02
N PRO A 40 -16.45 21.18 -14.19
CA PRO A 40 -15.55 20.75 -15.25
C PRO A 40 -14.07 20.76 -14.82
N GLY A 41 -13.33 19.74 -15.21
CA GLY A 41 -11.91 19.68 -14.95
C GLY A 41 -11.53 18.57 -14.00
N ASN A 42 -10.30 18.68 -13.48
CA ASN A 42 -9.67 17.62 -12.71
C ASN A 42 -9.65 17.96 -11.20
N PRO A 43 -10.34 17.13 -10.38
CA PRO A 43 -10.39 17.31 -8.92
C PRO A 43 -9.09 17.11 -8.14
N VAL A 44 -8.23 16.19 -8.60
CA VAL A 44 -6.97 15.89 -7.92
C VAL A 44 -5.89 16.80 -8.47
N LEU A 45 -5.33 17.61 -7.58
CA LEU A 45 -4.30 18.61 -7.94
C LEU A 45 -2.88 18.07 -7.91
N ALA A 46 -2.58 17.20 -6.95
CA ALA A 46 -1.23 16.65 -6.80
C ALA A 46 -1.26 15.33 -6.02
N VAL A 47 -0.24 14.51 -6.26
CA VAL A 47 -0.06 13.25 -5.57
C VAL A 47 1.38 13.20 -5.04
N GLN A 48 1.55 12.75 -3.79
CA GLN A 48 2.88 12.51 -3.21
C GLN A 48 3.05 11.04 -2.84
N ILE A 49 4.12 10.40 -3.29
CA ILE A 49 4.37 9.00 -2.96
C ILE A 49 5.55 8.77 -2.00
N ASN A 50 5.33 7.88 -1.03
CA ASN A 50 6.41 7.28 -0.25
C ASN A 50 6.69 5.89 -0.83
N GLN A 51 7.82 5.75 -1.52
CA GLN A 51 8.18 4.52 -2.22
C GLN A 51 8.47 3.40 -1.24
N ASP A 52 9.27 3.71 -0.22
CA ASP A 52 9.76 2.71 0.72
C ASP A 52 8.64 2.07 1.57
N LYS A 53 7.69 2.88 2.00
CA LYS A 53 6.55 2.42 2.80
C LYS A 53 5.28 2.18 1.97
N ASN A 54 5.36 2.35 0.65
CA ASN A 54 4.27 1.99 -0.26
C ASN A 54 2.90 2.64 0.04
N PHE A 55 2.88 3.97 0.12
CA PHE A 55 1.62 4.69 0.25
C PHE A 55 1.69 6.07 -0.41
N ALA A 56 0.52 6.66 -0.65
CA ALA A 56 0.42 8.00 -1.22
C ALA A 56 -0.56 8.88 -0.44
N PHE A 57 -0.42 10.19 -0.64
CA PHE A 57 -1.46 11.15 -0.28
C PHE A 57 -1.91 11.90 -1.56
N LEU A 58 -3.23 12.04 -1.74
CA LEU A 58 -3.81 12.83 -2.80
C LEU A 58 -4.18 14.19 -2.25
N GLU A 59 -4.08 15.25 -3.07
CA GLU A 59 -4.56 16.61 -2.71
C GLU A 59 -5.67 17.04 -3.70
N PHE A 60 -6.84 17.41 -3.16
CA PHE A 60 -8.00 17.80 -3.95
C PHE A 60 -8.23 19.31 -4.01
N ARG A 61 -8.92 19.76 -5.06
CA ARG A 61 -9.26 21.18 -5.25
C ARG A 61 -10.41 21.68 -4.37
N SER A 62 -11.26 20.75 -3.91
CA SER A 62 -12.41 21.11 -3.05
C SER A 62 -12.64 20.15 -1.89
N VAL A 63 -13.36 20.62 -0.87
CA VAL A 63 -13.72 19.82 0.30
C VAL A 63 -14.70 18.68 -0.02
N ASP A 64 -15.73 18.94 -0.82
CA ASP A 64 -16.78 17.95 -1.09
C ASP A 64 -16.31 16.83 -2.03
N GLU A 65 -15.41 17.15 -2.96
CA GLU A 65 -14.86 16.12 -3.86
C GLU A 65 -13.89 15.15 -3.16
N THR A 66 -13.17 15.63 -2.16
CA THR A 66 -12.41 14.74 -1.27
C THR A 66 -13.31 13.66 -0.65
N THR A 67 -14.47 14.10 -0.18
CA THR A 67 -15.39 13.22 0.54
C THR A 67 -16.01 12.19 -0.39
N GLN A 68 -16.30 12.60 -1.62
CA GLN A 68 -16.88 11.70 -2.62
C GLN A 68 -15.91 10.57 -3.00
N ALA A 69 -14.62 10.90 -3.05
CA ALA A 69 -13.56 10.01 -3.51
C ALA A 69 -13.38 8.77 -2.63
N MET A 70 -13.91 8.86 -1.42
CA MET A 70 -13.85 7.79 -0.43
C MET A 70 -14.67 6.57 -0.84
N ALA A 71 -15.61 6.81 -1.76
CA ALA A 71 -16.37 5.74 -2.41
C ALA A 71 -15.49 4.75 -3.18
N PHE A 72 -14.28 5.17 -3.56
CA PHE A 72 -13.34 4.32 -4.30
C PHE A 72 -12.54 3.35 -3.44
N ASP A 73 -12.77 3.34 -2.12
CA ASP A 73 -12.09 2.38 -1.24
C ASP A 73 -12.25 0.96 -1.81
N GLY A 74 -11.13 0.26 -1.99
CA GLY A 74 -11.12 -1.09 -2.55
C GLY A 74 -10.91 -1.21 -4.05
N ILE A 75 -10.99 -0.10 -4.78
CA ILE A 75 -10.86 -0.13 -6.25
C ILE A 75 -9.53 -0.78 -6.68
N ILE A 76 -9.58 -1.57 -7.75
CA ILE A 76 -8.40 -2.34 -8.18
C ILE A 76 -7.63 -1.50 -9.19
N PHE A 77 -6.34 -1.30 -8.90
CA PHE A 77 -5.47 -0.48 -9.76
C PHE A 77 -4.22 -1.30 -10.00
N GLN A 78 -4.01 -1.71 -11.25
CA GLN A 78 -2.89 -2.62 -11.61
C GLN A 78 -2.81 -3.86 -10.71
N GLY A 79 -3.95 -4.53 -10.53
CA GLY A 79 -4.04 -5.77 -9.77
C GLY A 79 -4.11 -5.61 -8.25
N GLN A 80 -4.06 -4.37 -7.75
CA GLN A 80 -3.99 -4.11 -6.30
C GLN A 80 -5.28 -3.42 -5.83
N SER A 81 -5.85 -3.92 -4.74
CA SER A 81 -6.99 -3.29 -4.08
C SER A 81 -6.51 -2.12 -3.20
N LEU A 82 -6.89 -0.90 -3.55
CA LEU A 82 -6.45 0.30 -2.84
C LEU A 82 -7.23 0.54 -1.55
N LYS A 83 -6.51 0.88 -0.47
CA LYS A 83 -7.07 1.28 0.81
C LYS A 83 -7.09 2.80 0.91
N ILE A 84 -8.29 3.39 0.88
CA ILE A 84 -8.49 4.84 0.91
C ILE A 84 -9.04 5.24 2.27
N ARG A 85 -8.39 6.20 2.92
CA ARG A 85 -8.76 6.61 4.28
C ARG A 85 -8.57 8.10 4.48
N ARG A 86 -9.20 8.63 5.52
CA ARG A 86 -8.98 10.02 5.90
C ARG A 86 -7.58 10.11 6.49
N PRO A 87 -6.94 11.30 6.41
CA PRO A 87 -5.72 11.54 7.17
C PRO A 87 -5.96 11.41 8.66
N HIS A 88 -4.92 11.04 9.43
CA HIS A 88 -5.07 10.87 10.88
C HIS A 88 -5.36 12.18 11.61
N ASP A 89 -4.84 13.28 11.07
CA ASP A 89 -5.12 14.63 11.59
C ASP A 89 -6.57 15.08 11.41
N TYR A 90 -7.30 14.48 10.46
CA TYR A 90 -8.69 14.81 10.19
C TYR A 90 -9.64 14.30 11.27
N GLN A 91 -10.52 15.18 11.76
CA GLN A 91 -11.56 14.82 12.72
C GLN A 91 -12.89 15.46 12.30
N PRO A 92 -14.01 14.72 12.46
CA PRO A 92 -15.30 15.37 12.27
C PRO A 92 -15.58 16.35 13.40
N LEU A 93 -16.51 17.28 13.18
CA LEU A 93 -16.87 18.22 14.23
C LEU A 93 -17.61 17.45 15.33
N PRO A 94 -17.48 17.89 16.60
CA PRO A 94 -18.04 17.18 17.75
C PRO A 94 -19.55 16.89 17.64
N GLY A 95 -19.95 15.71 18.11
CA GLY A 95 -21.37 15.33 18.12
C GLY A 95 -21.94 14.92 16.77
N ALA A 96 -21.09 14.96 15.74
CA ALA A 96 -21.53 14.65 14.38
C ALA A 96 -22.16 13.26 14.24
N HIS A 97 -21.66 12.24 14.95
CA HIS A 97 -22.17 10.86 14.82
C HIS A 97 -22.59 10.23 16.17
N LYS A 98 -23.26 11.04 16.99
CA LYS A 98 -23.75 10.63 18.32
C LYS A 98 -24.88 9.63 18.17
N LEU A 99 -24.89 8.64 19.06
CA LEU A 99 -25.93 7.60 19.09
C LEU A 99 -26.79 7.69 20.35
N PHE A 100 -28.08 7.43 20.19
CA PHE A 100 -29.00 7.13 21.29
C PHE A 100 -29.10 5.61 21.49
N ILE A 101 -28.98 5.16 22.74
CA ILE A 101 -29.22 3.77 23.12
C ILE A 101 -30.32 3.68 24.20
N GLY A 102 -31.42 3.04 23.86
CA GLY A 102 -32.54 2.85 24.78
C GLY A 102 -33.04 1.43 24.88
N GLY A 103 -33.83 1.18 25.92
CA GLY A 103 -34.37 -0.15 26.23
C GLY A 103 -33.43 -0.97 27.11
N LEU A 104 -32.51 -0.31 27.81
CA LEU A 104 -31.55 -1.00 28.68
C LEU A 104 -32.18 -1.39 30.04
N PRO A 105 -31.87 -2.60 30.54
CA PRO A 105 -32.27 -2.92 31.91
C PRO A 105 -31.74 -1.87 32.90
N ASN A 106 -32.60 -1.32 33.76
CA ASN A 106 -32.17 -0.17 34.57
C ASN A 106 -31.40 -0.52 35.85
N TYR A 107 -31.19 -1.81 36.09
CA TYR A 107 -30.33 -2.27 37.17
C TYR A 107 -28.85 -2.34 36.78
N LEU A 108 -28.54 -2.16 35.49
CA LEU A 108 -27.16 -2.12 34.99
C LEU A 108 -26.48 -0.76 35.22
N ASN A 109 -25.24 -0.78 35.69
CA ASN A 109 -24.46 0.44 35.93
C ASN A 109 -23.75 0.89 34.65
N ASP A 110 -22.96 1.96 34.76
CA ASP A 110 -22.30 2.58 33.59
C ASP A 110 -21.29 1.68 32.90
N ASP A 111 -20.50 0.96 33.67
CA ASP A 111 -19.45 0.11 33.12
C ASP A 111 -20.01 -1.14 32.43
N GLN A 112 -21.15 -1.61 32.92
CA GLN A 112 -21.82 -2.77 32.33
C GLN A 112 -22.46 -2.42 30.97
N VAL A 113 -22.96 -1.18 30.84
CA VAL A 113 -23.54 -0.72 29.58
C VAL A 113 -22.43 -0.34 28.55
N LYS A 114 -21.35 0.28 29.03
CA LYS A 114 -20.15 0.52 28.21
C LYS A 114 -19.57 -0.75 27.57
N GLU A 115 -19.57 -1.85 28.32
CA GLU A 115 -19.01 -3.12 27.87
C GLU A 115 -19.73 -3.74 26.66
N LEU A 116 -21.03 -3.49 26.53
CA LEU A 116 -21.75 -3.89 25.34
C LEU A 116 -21.31 -3.04 24.14
N LEU A 117 -21.15 -1.75 24.38
CA LEU A 117 -20.81 -0.78 23.33
C LEU A 117 -19.38 -0.89 22.81
N THR A 118 -18.40 -1.03 23.71
CA THR A 118 -17.00 -1.09 23.31
C THR A 118 -16.60 -2.42 22.62
N SER A 119 -17.51 -3.39 22.56
CA SER A 119 -17.27 -4.63 21.79
C SER A 119 -17.15 -4.37 20.28
N PHE A 120 -17.75 -3.29 19.81
CA PHE A 120 -17.65 -2.87 18.41
C PHE A 120 -16.42 -1.95 18.16
N GLY A 121 -16.01 -1.22 19.19
CA GLY A 121 -14.81 -0.38 19.10
C GLY A 121 -14.73 0.65 20.21
N PRO A 122 -13.60 1.38 20.29
CA PRO A 122 -13.42 2.35 21.38
C PRO A 122 -14.35 3.56 21.26
N LEU A 123 -14.83 4.05 22.39
CA LEU A 123 -15.67 5.25 22.46
C LEU A 123 -14.84 6.49 22.81
N LYS A 124 -15.22 7.63 22.26
CA LYS A 124 -14.65 8.92 22.65
C LYS A 124 -15.61 9.71 23.56
N ALA A 125 -16.90 9.36 23.55
CA ALA A 125 -17.86 9.93 24.50
C ALA A 125 -18.89 8.89 24.93
N PHE A 126 -19.36 9.02 26.18
CA PHE A 126 -20.42 8.17 26.72
C PHE A 126 -21.12 8.80 27.92
N ASN A 127 -22.45 8.75 27.95
CA ASN A 127 -23.20 9.03 29.18
C ASN A 127 -24.50 8.22 29.32
N LEU A 128 -24.69 7.68 30.52
CA LEU A 128 -25.90 6.95 30.90
C LEU A 128 -26.72 7.88 31.79
N VAL A 129 -27.96 8.13 31.39
CA VAL A 129 -28.82 9.11 32.05
C VAL A 129 -29.41 8.49 33.31
N LYS A 130 -29.32 9.24 34.41
CA LYS A 130 -29.70 8.78 35.73
C LYS A 130 -30.55 9.84 36.38
N ASP A 131 -31.48 9.43 37.23
CA ASP A 131 -32.24 10.37 38.05
C ASP A 131 -31.25 10.94 39.04
N SER A 132 -31.21 12.27 39.16
CA SER A 132 -30.12 12.89 39.94
C SER A 132 -30.36 12.76 41.44
N ALA A 133 -31.62 12.78 41.86
CA ALA A 133 -31.97 12.63 43.28
C ALA A 133 -31.53 11.26 43.84
N THR A 134 -31.82 10.20 43.10
CA THR A 134 -31.54 8.83 43.54
C THR A 134 -30.27 8.23 42.93
N GLY A 135 -29.80 8.78 41.82
CA GLY A 135 -28.66 8.20 41.09
C GLY A 135 -28.99 6.95 40.28
N LEU A 136 -30.29 6.67 40.10
CA LEU A 136 -30.74 5.43 39.46
C LEU A 136 -30.89 5.62 37.96
N SER A 137 -30.47 4.62 37.18
CA SER A 137 -30.53 4.66 35.73
C SER A 137 -31.95 4.84 35.20
N LYS A 138 -32.10 5.63 34.12
CA LYS A 138 -33.40 5.81 33.44
C LYS A 138 -33.52 4.85 32.27
N GLY A 139 -32.47 4.06 32.06
CA GLY A 139 -32.47 2.99 31.07
C GLY A 139 -32.15 3.42 29.65
N TYR A 140 -31.51 4.58 29.51
CA TYR A 140 -31.07 5.03 28.18
C TYR A 140 -29.78 5.82 28.27
N ALA A 141 -29.04 5.84 27.16
CA ALA A 141 -27.68 6.37 27.12
C ALA A 141 -27.36 7.00 25.76
N PHE A 142 -26.28 7.77 25.73
CA PHE A 142 -25.73 8.32 24.50
C PHE A 142 -24.24 7.97 24.41
N CYS A 143 -23.76 7.74 23.20
CA CYS A 143 -22.33 7.54 22.98
C CYS A 143 -21.86 8.00 21.60
N GLU A 144 -20.55 7.93 21.42
CA GLU A 144 -19.86 8.34 20.19
C GLU A 144 -18.59 7.49 20.02
N TYR A 145 -18.39 6.94 18.83
CA TYR A 145 -17.19 6.12 18.57
C TYR A 145 -15.99 6.95 18.07
N VAL A 146 -14.79 6.56 18.48
CA VAL A 146 -13.53 7.13 17.99
C VAL A 146 -13.48 7.06 16.46
N ASP A 147 -13.68 5.85 15.94
CA ASP A 147 -13.83 5.63 14.51
C ASP A 147 -15.31 5.75 14.14
N ILE A 148 -15.60 6.62 13.19
CA ILE A 148 -16.98 6.94 12.80
C ILE A 148 -17.64 5.88 11.92
N ASN A 149 -16.83 4.99 11.33
CA ASN A 149 -17.36 3.89 10.53
C ASN A 149 -17.94 2.77 11.42
N VAL A 150 -17.53 2.74 12.69
CA VAL A 150 -18.03 1.74 13.64
C VAL A 150 -19.49 1.99 14.04
N THR A 151 -19.97 3.21 13.79
CA THR A 151 -21.32 3.65 14.15
C THR A 151 -22.42 2.81 13.49
N ASP A 152 -22.35 2.65 12.16
CA ASP A 152 -23.30 1.81 11.41
C ASP A 152 -23.25 0.34 11.83
N GLN A 153 -22.08 -0.10 12.31
CA GLN A 153 -21.86 -1.48 12.74
C GLN A 153 -22.56 -1.78 14.05
N ALA A 154 -22.49 -0.85 15.00
CA ALA A 154 -23.16 -0.94 16.29
C ALA A 154 -24.66 -0.89 16.13
N ILE A 155 -25.15 -0.09 15.18
CA ILE A 155 -26.57 0.03 14.88
C ILE A 155 -27.10 -1.28 14.33
N ALA A 156 -26.41 -1.80 13.31
CA ALA A 156 -26.76 -3.06 12.68
C ALA A 156 -26.67 -4.26 13.65
N GLY A 157 -25.73 -4.21 14.59
CA GLY A 157 -25.55 -5.32 15.54
C GLY A 157 -26.48 -5.32 16.76
N LEU A 158 -26.97 -4.13 17.13
CA LEU A 158 -27.74 -3.93 18.38
C LEU A 158 -29.20 -3.46 18.22
N ASN A 159 -29.51 -2.72 17.16
CA ASN A 159 -30.87 -2.19 16.99
C ASN A 159 -31.89 -3.30 16.72
N GLY A 160 -32.97 -3.29 17.49
CA GLY A 160 -34.04 -4.27 17.35
C GLY A 160 -33.75 -5.61 17.99
N MET A 161 -32.64 -5.70 18.71
CA MET A 161 -32.13 -6.97 19.21
C MET A 161 -32.60 -7.22 20.63
N GLN A 162 -32.81 -8.49 20.96
CA GLN A 162 -33.24 -8.89 22.29
C GLN A 162 -32.14 -8.65 23.33
N LEU A 163 -32.54 -8.05 24.45
CA LEU A 163 -31.69 -7.93 25.64
C LEU A 163 -32.63 -8.05 26.84
N GLY A 164 -32.62 -9.23 27.46
CA GLY A 164 -33.57 -9.53 28.52
C GLY A 164 -34.88 -9.92 27.89
N ASP A 165 -35.94 -9.15 28.18
CA ASP A 165 -37.21 -9.28 27.48
C ASP A 165 -37.60 -7.98 26.76
N LYS A 166 -36.62 -7.07 26.65
CA LYS A 166 -36.74 -5.82 25.88
C LYS A 166 -35.98 -5.95 24.55
N LYS A 167 -36.38 -5.14 23.57
CA LYS A 167 -35.69 -5.01 22.28
C LYS A 167 -34.94 -3.69 22.29
N LEU A 168 -33.61 -3.73 22.20
CA LEU A 168 -32.81 -2.50 22.22
C LEU A 168 -33.12 -1.60 21.04
N LEU A 169 -33.05 -0.28 21.28
CA LEU A 169 -33.18 0.73 20.23
C LEU A 169 -31.84 1.42 20.13
N VAL A 170 -31.20 1.32 18.95
CA VAL A 170 -29.94 2.00 18.70
C VAL A 170 -30.05 2.75 17.37
N GLN A 171 -29.90 4.07 17.43
CA GLN A 171 -30.03 4.93 16.25
C GLN A 171 -29.27 6.22 16.46
N ARG A 172 -29.08 6.99 15.38
CA ARG A 172 -28.46 8.32 15.51
C ARG A 172 -29.32 9.28 16.35
N ALA A 173 -28.63 10.08 17.17
CA ALA A 173 -29.26 10.96 18.15
C ALA A 173 -29.94 12.16 17.49
N SER A 174 -29.44 12.55 16.32
CA SER A 174 -30.13 13.50 15.47
C SER A 174 -29.96 13.06 14.02
N LEU B 3 13.26 -4.67 -10.86
CA LEU B 3 13.79 -3.28 -11.00
C LEU B 3 15.32 -3.25 -10.84
N GLY B 4 16.02 -2.85 -11.90
CA GLY B 4 17.48 -2.99 -12.01
C GLY B 4 17.75 -4.02 -13.09
N SER B 5 17.23 -5.22 -12.85
CA SER B 5 17.03 -6.24 -13.89
C SER B 5 15.90 -5.87 -14.86
N ALA B 6 15.11 -4.84 -14.52
CA ALA B 6 14.12 -4.23 -15.42
C ALA B 6 14.74 -3.24 -16.42
N ARG B 7 16.04 -3.00 -16.29
CA ARG B 7 16.79 -2.09 -17.16
C ARG B 7 17.97 -2.76 -17.90
N ARG B 8 17.93 -4.07 -18.04
CA ARG B 8 18.99 -4.82 -18.71
C ARG B 8 18.42 -5.81 -19.70
N LEU B 9 19.24 -6.13 -20.70
CA LEU B 9 18.93 -7.15 -21.66
C LEU B 9 20.18 -7.97 -21.93
N TYR B 10 19.96 -9.28 -22.13
CA TYR B 10 20.98 -10.20 -22.58
C TYR B 10 21.09 -10.14 -24.11
N VAL B 11 22.33 -10.03 -24.60
CA VAL B 11 22.61 -10.08 -26.05
C VAL B 11 23.57 -11.24 -26.34
N GLY B 12 23.08 -12.24 -27.09
CA GLY B 12 23.90 -13.35 -27.56
C GLY B 12 24.18 -13.34 -29.05
N ASN B 13 25.01 -14.29 -29.47
CA ASN B 13 25.48 -14.42 -30.85
C ASN B 13 26.35 -13.27 -31.33
N ILE B 14 27.16 -12.72 -30.44
CA ILE B 14 27.91 -11.53 -30.80
C ILE B 14 29.18 -11.92 -31.55
N PRO B 15 29.53 -11.16 -32.61
CA PRO B 15 30.70 -11.48 -33.43
C PRO B 15 32.03 -11.24 -32.71
N PHE B 16 33.05 -12.01 -33.10
CA PHE B 16 34.39 -11.88 -32.54
C PHE B 16 34.94 -10.48 -32.75
N GLY B 17 35.63 -9.97 -31.75
CA GLY B 17 36.39 -8.72 -31.90
C GLY B 17 35.65 -7.45 -31.57
N ILE B 18 34.32 -7.53 -31.44
CA ILE B 18 33.50 -6.35 -31.13
C ILE B 18 33.84 -5.76 -29.78
N THR B 19 33.87 -4.44 -29.70
CA THR B 19 34.13 -3.74 -28.46
C THR B 19 32.82 -3.28 -27.80
N GLU B 20 32.93 -2.94 -26.52
CA GLU B 20 31.80 -2.48 -25.74
C GLU B 20 31.32 -1.13 -26.26
N GLU B 21 32.23 -0.33 -26.79
CA GLU B 21 31.87 0.97 -27.36
C GLU B 21 31.23 0.87 -28.76
N ALA B 22 31.64 -0.12 -29.55
CA ALA B 22 31.02 -0.33 -30.86
C ALA B 22 29.59 -0.83 -30.72
N MET B 23 29.36 -1.70 -29.74
CA MET B 23 28.04 -2.25 -29.46
C MET B 23 27.10 -1.20 -28.84
N MET B 24 27.65 -0.29 -28.05
CA MET B 24 26.89 0.79 -27.42
C MET B 24 26.42 1.81 -28.47
N ASP B 25 27.33 2.15 -29.39
CA ASP B 25 27.00 3.02 -30.52
C ASP B 25 25.91 2.41 -31.44
N PHE B 26 26.03 1.12 -31.74
CA PHE B 26 25.04 0.42 -32.58
C PHE B 26 23.61 0.49 -32.04
N PHE B 27 23.42 0.14 -30.78
CA PHE B 27 22.09 0.13 -30.15
C PHE B 27 21.48 1.53 -29.93
N ASN B 28 22.28 2.51 -29.51
CA ASN B 28 21.83 3.92 -29.48
C ASN B 28 21.37 4.43 -30.86
N ALA B 29 22.11 4.05 -31.90
CA ALA B 29 21.76 4.43 -33.27
C ALA B 29 20.46 3.75 -33.73
N GLN B 30 20.30 2.46 -33.44
CA GLN B 30 19.07 1.74 -33.76
C GLN B 30 17.84 2.32 -33.04
N MET B 31 17.99 2.67 -31.76
CA MET B 31 16.88 3.23 -30.98
C MET B 31 16.40 4.56 -31.54
N ARG B 32 17.35 5.45 -31.86
CA ARG B 32 17.02 6.75 -32.44
C ARG B 32 16.35 6.62 -33.80
N LEU B 33 16.84 5.68 -34.61
CA LEU B 33 16.36 5.45 -35.96
C LEU B 33 14.91 4.93 -35.99
N GLY B 34 14.61 4.00 -35.09
CA GLY B 34 13.27 3.43 -34.97
C GLY B 34 12.30 4.29 -34.18
N GLY B 35 12.75 5.47 -33.75
CA GLY B 35 11.95 6.40 -32.95
C GLY B 35 11.52 5.86 -31.61
N LEU B 36 12.34 5.00 -31.01
CA LEU B 36 11.96 4.28 -29.77
C LEU B 36 12.45 4.96 -28.49
N THR B 37 13.06 6.13 -28.59
CA THR B 37 13.55 6.87 -27.42
C THR B 37 12.47 7.82 -26.88
N GLN B 38 12.43 7.99 -25.55
CA GLN B 38 11.40 8.81 -24.91
C GLN B 38 11.93 10.13 -24.31
N ALA B 39 13.12 10.53 -24.76
CA ALA B 39 13.68 11.82 -24.43
C ALA B 39 14.87 12.04 -25.33
N PRO B 40 15.42 13.26 -25.32
CA PRO B 40 16.71 13.46 -25.97
C PRO B 40 17.82 12.60 -25.34
N GLY B 41 18.85 12.31 -26.13
CA GLY B 41 20.03 11.62 -25.63
C GLY B 41 20.08 10.15 -25.98
N ASN B 42 21.04 9.45 -25.35
CA ASN B 42 21.34 8.04 -25.62
C ASN B 42 20.74 7.14 -24.53
N PRO B 43 19.87 6.19 -24.91
CA PRO B 43 19.22 5.29 -23.94
C PRO B 43 20.09 4.21 -23.30
N VAL B 44 21.18 3.80 -23.94
CA VAL B 44 22.08 2.77 -23.41
C VAL B 44 23.20 3.46 -22.63
N LEU B 45 23.30 3.15 -21.35
CA LEU B 45 24.30 3.73 -20.46
C LEU B 45 25.62 2.95 -20.48
N ALA B 46 25.54 1.62 -20.60
CA ALA B 46 26.73 0.78 -20.45
C ALA B 46 26.56 -0.56 -21.13
N VAL B 47 27.68 -1.17 -21.50
CA VAL B 47 27.73 -2.51 -22.08
C VAL B 47 28.89 -3.29 -21.46
N GLN B 48 28.63 -4.53 -21.05
CA GLN B 48 29.68 -5.45 -20.56
C GLN B 48 29.72 -6.73 -21.39
N ILE B 49 30.90 -7.11 -21.88
CA ILE B 49 31.04 -8.28 -22.77
C ILE B 49 31.86 -9.41 -22.13
N ASN B 50 31.38 -10.66 -22.33
CA ASN B 50 32.15 -11.87 -22.04
C ASN B 50 32.61 -12.41 -23.40
N GLN B 51 33.90 -12.27 -23.70
CA GLN B 51 34.44 -12.65 -25.01
C GLN B 51 34.58 -14.16 -25.17
N ASP B 52 34.84 -14.86 -24.06
CA ASP B 52 34.95 -16.33 -24.04
C ASP B 52 33.64 -17.05 -24.33
N LYS B 53 32.53 -16.45 -23.92
CA LYS B 53 31.21 -17.08 -24.06
C LYS B 53 30.27 -16.35 -25.02
N ASN B 54 30.77 -15.33 -25.70
CA ASN B 54 30.04 -14.64 -26.78
C ASN B 54 28.67 -14.06 -26.40
N PHE B 55 28.66 -13.32 -25.30
CA PHE B 55 27.45 -12.64 -24.89
C PHE B 55 27.79 -11.30 -24.23
N ALA B 56 26.77 -10.45 -24.11
CA ALA B 56 26.91 -9.15 -23.49
C ALA B 56 25.67 -8.85 -22.68
N PHE B 57 25.79 -7.89 -21.77
CA PHE B 57 24.63 -7.24 -21.16
C PHE B 57 24.62 -5.75 -21.52
N LEU B 58 23.43 -5.24 -21.84
CA LEU B 58 23.17 -3.82 -22.06
C LEU B 58 22.48 -3.29 -20.83
N GLU B 59 22.76 -2.05 -20.48
CA GLU B 59 22.02 -1.41 -19.41
C GLU B 59 21.45 -0.11 -19.90
N PHE B 60 20.15 0.07 -19.70
CA PHE B 60 19.40 1.22 -20.19
C PHE B 60 19.07 2.23 -19.07
N ARG B 61 18.67 3.43 -19.48
CA ARG B 61 18.33 4.50 -18.54
C ARG B 61 16.88 4.44 -18.04
N SER B 62 16.00 3.75 -18.77
CA SER B 62 14.61 3.57 -18.35
C SER B 62 14.09 2.16 -18.57
N VAL B 63 12.99 1.85 -17.88
CA VAL B 63 12.28 0.58 -17.95
C VAL B 63 11.54 0.43 -19.29
N ASP B 64 10.89 1.49 -19.75
CA ASP B 64 10.11 1.45 -21.00
C ASP B 64 11.00 1.41 -22.26
N GLU B 65 12.18 2.03 -22.23
CA GLU B 65 13.14 1.91 -23.34
C GLU B 65 13.77 0.51 -23.41
N THR B 66 13.95 -0.13 -22.25
CA THR B 66 14.44 -1.50 -22.21
C THR B 66 13.42 -2.43 -22.86
N THR B 67 12.15 -2.25 -22.51
CA THR B 67 11.06 -3.01 -23.10
C THR B 67 11.00 -2.81 -24.61
N GLN B 68 11.21 -1.58 -25.07
CA GLN B 68 11.21 -1.27 -26.50
C GLN B 68 12.31 -1.97 -27.28
N ALA B 69 13.52 -2.02 -26.72
CA ALA B 69 14.69 -2.63 -27.36
C ALA B 69 14.54 -4.14 -27.56
N MET B 70 13.55 -4.71 -26.88
CA MET B 70 13.22 -6.13 -27.01
C MET B 70 12.80 -6.46 -28.45
N ALA B 71 12.27 -5.47 -29.16
CA ALA B 71 11.89 -5.64 -30.56
C ALA B 71 13.09 -5.83 -31.50
N PHE B 72 14.32 -5.68 -30.98
CA PHE B 72 15.54 -5.84 -31.77
C PHE B 72 16.04 -7.29 -31.83
N ASP B 73 15.33 -8.24 -31.23
CA ASP B 73 15.67 -9.66 -31.37
C ASP B 73 15.77 -10.04 -32.86
N GLY B 74 16.90 -10.63 -33.25
CA GLY B 74 17.17 -10.97 -34.65
C GLY B 74 17.90 -9.90 -35.47
N ILE B 75 18.10 -8.71 -34.90
CA ILE B 75 18.74 -7.59 -35.62
C ILE B 75 20.16 -7.97 -36.06
N ILE B 76 20.52 -7.54 -37.27
CA ILE B 76 21.81 -7.84 -37.89
C ILE B 76 22.87 -6.83 -37.42
N PHE B 77 24.00 -7.35 -36.94
CA PHE B 77 25.14 -6.54 -36.56
C PHE B 77 26.40 -7.21 -37.09
N GLN B 78 27.13 -6.52 -37.97
CA GLN B 78 28.29 -7.08 -38.64
C GLN B 78 28.01 -8.45 -39.24
N GLY B 79 26.93 -8.52 -40.03
CA GLY B 79 26.58 -9.73 -40.76
C GLY B 79 25.88 -10.82 -39.95
N GLN B 80 25.68 -10.61 -38.66
CA GLN B 80 25.16 -11.67 -37.77
C GLN B 80 23.89 -11.28 -37.01
N SER B 81 22.98 -12.23 -36.88
CA SER B 81 21.72 -12.00 -36.18
C SER B 81 21.87 -12.13 -34.65
N LEU B 82 21.56 -11.06 -33.92
CA LEU B 82 21.69 -11.03 -32.47
C LEU B 82 20.47 -11.59 -31.71
N LYS B 83 20.74 -12.33 -30.65
CA LYS B 83 19.70 -12.89 -29.80
C LYS B 83 19.51 -11.99 -28.59
N ILE B 84 18.33 -11.38 -28.52
CA ILE B 84 17.98 -10.46 -27.43
C ILE B 84 16.93 -11.09 -26.51
N ARG B 85 17.27 -11.17 -25.22
CA ARG B 85 16.38 -11.76 -24.21
C ARG B 85 16.43 -10.98 -22.91
N ARG B 86 15.43 -11.23 -22.07
CA ARG B 86 15.36 -10.71 -20.72
C ARG B 86 16.41 -11.37 -19.84
N PRO B 87 16.93 -10.66 -18.83
CA PRO B 87 17.75 -11.30 -17.82
C PRO B 87 16.98 -12.43 -17.15
N HIS B 88 17.70 -13.43 -16.65
CA HIS B 88 17.04 -14.60 -16.04
C HIS B 88 16.32 -14.27 -14.71
N ASP B 89 16.76 -13.24 -13.99
CA ASP B 89 16.04 -12.81 -12.80
C ASP B 89 15.17 -11.56 -13.02
N TYR B 90 14.70 -11.37 -14.25
CA TYR B 90 13.75 -10.33 -14.54
C TYR B 90 12.39 -10.72 -13.93
N GLN B 91 11.70 -9.76 -13.34
CA GLN B 91 10.38 -9.98 -12.76
C GLN B 91 9.31 -9.26 -13.57
N PRO B 92 8.46 -10.01 -14.29
CA PRO B 92 7.38 -9.39 -15.06
C PRO B 92 6.36 -8.70 -14.17
N LEU B 93 6.02 -9.35 -13.06
CA LEU B 93 5.16 -8.75 -12.04
C LEU B 93 6.01 -8.40 -10.81
N PRO B 94 6.44 -7.11 -10.71
CA PRO B 94 7.34 -6.72 -9.62
C PRO B 94 6.62 -6.65 -8.27
N GLY B 95 7.36 -6.90 -7.20
CA GLY B 95 6.80 -6.94 -5.84
C GLY B 95 6.09 -8.25 -5.49
N ALA B 96 6.12 -9.21 -6.40
CA ALA B 96 5.42 -10.48 -6.21
C ALA B 96 5.99 -11.30 -5.06
N HIS B 97 7.25 -11.06 -4.69
CA HIS B 97 7.96 -11.85 -3.68
C HIS B 97 8.32 -11.03 -2.46
N LYS B 98 7.67 -9.88 -2.33
CA LYS B 98 7.80 -9.06 -1.15
C LYS B 98 7.04 -9.75 -0.04
N LEU B 99 7.67 -9.80 1.15
CA LEU B 99 7.13 -10.51 2.30
C LEU B 99 6.60 -9.58 3.41
N PHE B 100 5.48 -9.99 4.00
CA PHE B 100 4.96 -9.37 5.23
C PHE B 100 5.41 -10.22 6.42
N ILE B 101 6.00 -9.55 7.42
CA ILE B 101 6.37 -10.20 8.68
C ILE B 101 5.59 -9.53 9.83
N GLY B 102 4.68 -10.28 10.44
CA GLY B 102 3.85 -9.77 11.52
C GLY B 102 3.99 -10.61 12.77
N GLY B 103 3.65 -10.02 13.92
CA GLY B 103 3.73 -10.69 15.21
C GLY B 103 5.12 -10.65 15.83
N LEU B 104 5.85 -9.58 15.57
CA LEU B 104 7.19 -9.35 16.12
C LEU B 104 7.08 -8.73 17.51
N PRO B 105 7.91 -9.19 18.47
CA PRO B 105 8.02 -8.45 19.72
C PRO B 105 8.28 -6.96 19.48
N ASN B 106 7.57 -6.11 20.21
CA ASN B 106 7.59 -4.66 19.94
C ASN B 106 8.82 -3.91 20.46
N TYR B 107 9.76 -4.63 21.05
CA TYR B 107 11.01 -4.03 21.51
C TYR B 107 12.18 -4.24 20.53
N LEU B 108 11.98 -5.04 19.48
CA LEU B 108 13.05 -5.34 18.53
C LEU B 108 13.27 -4.20 17.55
N ASN B 109 14.54 -3.84 17.34
CA ASN B 109 14.93 -2.79 16.39
C ASN B 109 15.22 -3.36 14.99
N ASP B 110 15.49 -2.48 14.02
CA ASP B 110 15.66 -2.87 12.60
C ASP B 110 16.65 -3.99 12.38
N ASP B 111 17.87 -3.81 12.88
CA ASP B 111 18.94 -4.77 12.66
C ASP B 111 18.70 -6.12 13.37
N GLN B 112 17.92 -6.09 14.46
CA GLN B 112 17.57 -7.30 15.19
C GLN B 112 16.59 -8.12 14.39
N VAL B 113 15.61 -7.45 13.78
CA VAL B 113 14.66 -8.10 12.86
C VAL B 113 15.36 -8.64 11.59
N LYS B 114 16.29 -7.86 11.02
CA LYS B 114 17.07 -8.31 9.84
C LYS B 114 17.94 -9.53 10.12
N GLU B 115 18.44 -9.63 11.36
CA GLU B 115 19.26 -10.76 11.79
C GLU B 115 18.46 -12.07 11.72
N LEU B 116 17.21 -11.99 12.15
CA LEU B 116 16.25 -13.08 12.01
C LEU B 116 16.08 -13.49 10.55
N LEU B 117 15.90 -12.51 9.66
CA LEU B 117 15.63 -12.76 8.24
C LEU B 117 16.85 -13.19 7.39
N THR B 118 18.04 -12.70 7.72
CA THR B 118 19.24 -12.97 6.88
C THR B 118 19.90 -14.33 7.17
N SER B 119 19.35 -15.08 8.12
CA SER B 119 19.71 -16.49 8.31
C SER B 119 19.32 -17.35 7.11
N PHE B 120 18.45 -16.84 6.24
CA PHE B 120 18.11 -17.53 4.98
C PHE B 120 18.86 -16.96 3.78
N GLY B 121 19.38 -15.74 3.88
CA GLY B 121 20.14 -15.15 2.80
C GLY B 121 20.06 -13.63 2.77
N PRO B 122 20.90 -12.99 1.94
CA PRO B 122 20.90 -11.53 1.80
C PRO B 122 19.59 -10.88 1.32
N LEU B 123 19.35 -9.66 1.79
CA LEU B 123 18.15 -8.90 1.51
C LEU B 123 18.44 -7.78 0.51
N LYS B 124 17.52 -7.49 -0.41
CA LYS B 124 17.65 -6.25 -1.22
C LYS B 124 16.79 -5.09 -0.70
N ALA B 125 15.73 -5.41 0.06
CA ALA B 125 14.88 -4.39 0.66
C ALA B 125 14.41 -4.81 2.07
N PHE B 126 14.32 -3.83 2.96
CA PHE B 126 13.75 -4.04 4.30
C PHE B 126 13.25 -2.73 4.98
N ASN B 127 12.09 -2.80 5.65
CA ASN B 127 11.60 -1.69 6.49
C ASN B 127 10.74 -2.19 7.64
N LEU B 128 11.05 -1.70 8.85
CA LEU B 128 10.25 -1.99 10.04
C LEU B 128 9.34 -0.80 10.27
N VAL B 129 8.04 -1.07 10.43
CA VAL B 129 7.06 -0.01 10.56
C VAL B 129 7.01 0.52 11.99
N LYS B 130 7.17 1.85 12.11
CA LYS B 130 7.22 2.53 13.40
C LYS B 130 6.19 3.65 13.47
N ASP B 131 5.77 3.99 14.69
CA ASP B 131 4.95 5.17 14.93
C ASP B 131 5.83 6.41 14.77
N SER B 132 5.44 7.31 13.87
CA SER B 132 6.18 8.54 13.61
C SER B 132 6.25 9.43 14.85
N ALA B 133 5.22 9.37 15.69
CA ALA B 133 5.15 10.17 16.90
C ALA B 133 6.18 9.74 17.97
N THR B 134 6.17 8.46 18.34
CA THR B 134 7.02 7.94 19.40
C THR B 134 8.32 7.35 18.87
N GLY B 135 8.29 6.83 17.63
CA GLY B 135 9.43 6.14 17.05
C GLY B 135 9.43 4.66 17.35
N LEU B 136 8.29 4.16 17.84
CA LEU B 136 8.17 2.81 18.36
C LEU B 136 7.63 1.83 17.32
N SER B 137 8.20 0.63 17.30
CA SER B 137 7.78 -0.42 16.40
C SER B 137 6.29 -0.76 16.57
N LYS B 138 5.60 -0.97 15.45
CA LYS B 138 4.20 -1.38 15.43
C LYS B 138 4.04 -2.92 15.38
N GLY B 139 5.17 -3.61 15.29
CA GLY B 139 5.19 -5.06 15.36
C GLY B 139 5.11 -5.75 14.02
N TYR B 140 5.36 -5.03 12.94
CA TYR B 140 5.45 -5.63 11.62
C TYR B 140 6.45 -4.97 10.67
N ALA B 141 6.90 -5.74 9.71
CA ALA B 141 7.95 -5.35 8.78
C ALA B 141 7.64 -5.89 7.41
N PHE B 142 8.39 -5.41 6.42
CA PHE B 142 8.35 -5.93 5.05
C PHE B 142 9.76 -6.16 4.54
N CYS B 143 9.93 -7.14 3.64
CA CYS B 143 11.25 -7.34 3.01
C CYS B 143 11.20 -8.06 1.67
N GLU B 144 12.33 -8.03 0.96
CA GLU B 144 12.57 -8.83 -0.25
C GLU B 144 13.98 -9.41 -0.19
N TYR B 145 14.13 -10.67 -0.59
CA TYR B 145 15.46 -11.29 -0.73
C TYR B 145 16.12 -10.96 -2.08
N VAL B 146 17.45 -10.89 -2.10
CA VAL B 146 18.23 -10.73 -3.34
C VAL B 146 17.95 -11.89 -4.31
N ASP B 147 17.93 -13.11 -3.78
CA ASP B 147 17.59 -14.32 -4.52
C ASP B 147 16.13 -14.68 -4.21
N ILE B 148 15.23 -14.46 -5.17
CA ILE B 148 13.79 -14.62 -4.91
C ILE B 148 13.39 -16.06 -4.54
N ASN B 149 14.17 -17.05 -4.98
CA ASN B 149 13.95 -18.46 -4.64
C ASN B 149 14.08 -18.85 -3.15
N VAL B 150 14.59 -17.94 -2.32
CA VAL B 150 14.71 -18.16 -0.85
C VAL B 150 13.39 -17.82 -0.09
N THR B 151 12.56 -16.95 -0.68
CA THR B 151 11.26 -16.52 -0.12
C THR B 151 10.43 -17.63 0.54
N ASP B 152 10.15 -18.68 -0.21
CA ASP B 152 9.36 -19.80 0.28
C ASP B 152 10.05 -20.62 1.39
N GLN B 153 11.38 -20.67 1.33
CA GLN B 153 12.17 -21.31 2.37
C GLN B 153 12.23 -20.45 3.65
N ALA B 154 12.05 -19.14 3.50
CA ALA B 154 11.89 -18.24 4.65
C ALA B 154 10.48 -18.37 5.25
N ILE B 155 9.47 -18.47 4.38
CA ILE B 155 8.09 -18.69 4.83
C ILE B 155 8.00 -20.01 5.61
N ALA B 156 8.57 -21.08 5.04
CA ALA B 156 8.54 -22.40 5.68
C ALA B 156 9.29 -22.41 7.01
N GLY B 157 10.39 -21.67 7.09
CA GLY B 157 11.17 -21.58 8.32
C GLY B 157 10.57 -20.76 9.44
N LEU B 158 9.86 -19.67 9.11
CA LEU B 158 9.40 -18.68 10.10
C LEU B 158 7.90 -18.62 10.37
N ASN B 159 7.07 -18.85 9.36
CA ASN B 159 5.61 -18.77 9.52
C ASN B 159 5.08 -19.72 10.61
N GLY B 160 4.54 -19.16 11.68
CA GLY B 160 3.96 -19.95 12.76
C GLY B 160 4.94 -20.35 13.85
N MET B 161 6.18 -19.88 13.77
CA MET B 161 7.23 -20.11 14.77
CA MET B 161 7.15 -20.19 14.79
C MET B 161 6.98 -19.25 15.99
N GLN B 162 7.06 -19.84 17.18
CA GLN B 162 6.92 -19.09 18.43
C GLN B 162 8.19 -18.25 18.59
N LEU B 163 8.01 -16.93 18.72
CA LEU B 163 9.12 -16.02 18.96
C LEU B 163 8.87 -15.25 20.25
N GLY B 164 9.26 -15.86 21.36
CA GLY B 164 9.07 -15.29 22.69
C GLY B 164 7.63 -15.39 23.16
N ASP B 165 6.91 -14.26 23.09
CA ASP B 165 5.56 -14.13 23.67
C ASP B 165 4.48 -14.23 22.58
N LYS B 166 4.91 -14.25 21.32
CA LYS B 166 4.02 -14.11 20.17
C LYS B 166 4.38 -15.09 19.08
N LYS B 167 3.41 -15.32 18.19
CA LYS B 167 3.56 -16.22 17.05
C LYS B 167 3.66 -15.38 15.77
N LEU B 168 4.66 -15.71 14.96
CA LEU B 168 4.92 -15.01 13.70
C LEU B 168 3.99 -15.42 12.56
N LEU B 169 3.56 -14.40 11.80
CA LEU B 169 2.92 -14.57 10.49
C LEU B 169 3.91 -14.08 9.43
N VAL B 170 4.33 -14.99 8.56
CA VAL B 170 5.21 -14.65 7.44
C VAL B 170 4.54 -15.17 6.17
N GLN B 171 4.14 -14.23 5.32
CA GLN B 171 3.43 -14.52 4.08
C GLN B 171 3.82 -13.49 3.03
N ARG B 172 3.62 -13.79 1.74
CA ARG B 172 3.75 -12.78 0.70
C ARG B 172 2.77 -11.64 0.96
N ALA B 173 3.30 -10.42 1.04
CA ALA B 173 2.51 -9.20 1.23
C ALA B 173 1.44 -9.02 0.16
N SER B 174 1.71 -9.56 -1.03
CA SER B 174 0.75 -9.66 -2.15
C SER B 174 0.23 -8.32 -2.57
#